data_5X18
#
_entry.id   5X18
#
_cell.length_a   45.503
_cell.length_b   97.918
_cell.length_c   84.737
_cell.angle_alpha   90.00
_cell.angle_beta   93.89
_cell.angle_gamma   90.00
#
_symmetry.space_group_name_H-M   'P 1 21 1'
#
loop_
_entity.id
_entity.type
_entity.pdbx_description
1 polymer 'Casein kinase I homolog 1'
2 non-polymer GLYCEROL
3 non-polymer 'MALONIC ACID'
4 water water
#
_entity_poly.entity_id   1
_entity_poly.type   'polypeptide(L)'
_entity_poly.pdbx_seq_one_letter_code
;GSTIVGLHYKIGKKIGEGSFGVLFEGTNMINGVPVAIKFEPRKTEAPQLRDEYKTYKILNGTPNIPYAYYFGQEGLHNIL
VIDLLGPSLEDLFDWCGRKFSVKTVVQVAVQMITLIEDLHAHDLIYRDIKPDNFLIGRPGQPDANNIHLIDFGMAKQYRD
PKTKQHIPYREKKSLSGTARYMSINTHLGREQSRRDDMEALGHVFFYFLRGHLPWQGLKAPNNKQKYEKIGEKKRSTNVY
DLAQGLPVQFGRYLEIVRSLSFEECPDYEGYRKLLLSVLDDLGETADGQYDWMKL
;
_entity_poly.pdbx_strand_id   A,B
#
# COMPACT_ATOMS: atom_id res chain seq x y z
N SER A 2 -6.75 33.08 30.15
CA SER A 2 -7.48 33.03 28.83
C SER A 2 -7.19 34.25 27.95
N THR A 3 -6.54 34.02 26.81
CA THR A 3 -6.07 35.11 25.94
C THR A 3 -7.06 35.33 24.80
N ILE A 4 -7.45 36.59 24.58
CA ILE A 4 -8.48 36.96 23.62
C ILE A 4 -7.85 37.86 22.55
N VAL A 5 -8.22 37.65 21.30
CA VAL A 5 -7.81 38.52 20.20
C VAL A 5 -9.02 38.88 19.36
N GLY A 6 -8.91 39.98 18.62
CA GLY A 6 -9.98 40.46 17.78
C GLY A 6 -11.29 40.64 18.52
N LEU A 7 -11.20 41.15 19.74
CA LEU A 7 -12.34 41.44 20.61
C LEU A 7 -13.02 40.21 21.21
N HIS A 8 -13.23 39.13 20.43
CA HIS A 8 -13.95 37.97 20.97
C HIS A 8 -13.49 36.59 20.46
N TYR A 9 -12.22 36.45 20.12
CA TYR A 9 -11.68 35.14 19.73
C TYR A 9 -10.73 34.67 20.81
N LYS A 10 -11.12 33.62 21.52
CA LYS A 10 -10.34 33.07 22.62
C LYS A 10 -9.39 32.02 22.09
N ILE A 11 -8.12 32.12 22.48
CA ILE A 11 -7.08 31.20 22.02
C ILE A 11 -7.10 29.92 22.87
N GLY A 12 -7.05 28.77 22.20
CA GLY A 12 -6.95 27.45 22.86
C GLY A 12 -5.59 26.83 22.60
N LYS A 13 -5.54 25.52 22.37
CA LYS A 13 -4.26 24.78 22.22
C LYS A 13 -3.50 25.17 20.96
N LYS A 14 -2.18 25.22 21.07
CA LYS A 14 -1.31 25.38 19.91
C LYS A 14 -1.43 24.12 19.06
N ILE A 15 -1.58 24.31 17.74
CA ILE A 15 -1.67 23.18 16.81
C ILE A 15 -0.61 23.19 15.70
N GLY A 16 0.18 24.24 15.62
CA GLY A 16 1.26 24.30 14.65
C GLY A 16 2.18 25.46 14.92
N GLU A 17 3.42 25.32 14.45
CA GLU A 17 4.46 26.31 14.70
C GLU A 17 5.50 26.19 13.60
N GLY A 18 6.12 27.32 13.27
CA GLY A 18 7.13 27.33 12.22
C GLY A 18 7.62 28.73 11.94
N SER A 19 8.35 28.88 10.84
CA SER A 19 8.90 30.19 10.42
C SER A 19 7.78 31.20 10.11
N PHE A 20 6.67 30.72 9.56
CA PHE A 20 5.45 31.52 9.33
C PHE A 20 4.87 32.17 10.59
N GLY A 21 5.04 31.50 11.73
CA GLY A 21 4.49 31.96 13.00
C GLY A 21 3.96 30.79 13.80
N VAL A 22 2.81 30.99 14.45
CA VAL A 22 2.20 30.01 15.33
C VAL A 22 0.71 29.88 15.01
N LEU A 23 0.17 28.68 15.18
CA LEU A 23 -1.21 28.40 14.85
C LEU A 23 -1.89 27.75 16.05
N PHE A 24 -3.04 28.30 16.45
CA PHE A 24 -3.80 27.80 17.59
C PHE A 24 -5.19 27.47 17.12
N GLU A 25 -5.83 26.54 17.82
CA GLU A 25 -7.28 26.41 17.76
C GLU A 25 -7.87 27.37 18.79
N GLY A 26 -9.17 27.62 18.66
CA GLY A 26 -9.85 28.55 19.55
C GLY A 26 -11.33 28.62 19.31
N THR A 27 -11.94 29.63 19.91
CA THR A 27 -13.39 29.78 19.92
C THR A 27 -13.80 31.20 19.65
N ASN A 28 -14.76 31.35 18.73
CA ASN A 28 -15.44 32.60 18.53
C ASN A 28 -16.43 32.71 19.68
N MET A 29 -16.15 33.62 20.62
CA MET A 29 -16.93 33.71 21.85
C MET A 29 -18.30 34.32 21.67
N ILE A 30 -18.51 35.09 20.61
CA ILE A 30 -19.83 35.72 20.40
C ILE A 30 -20.86 34.71 19.95
N ASN A 31 -20.43 33.59 19.35
CA ASN A 31 -21.36 32.54 18.90
C ASN A 31 -20.90 31.09 19.13
N GLY A 32 -19.73 30.88 19.73
CA GLY A 32 -19.23 29.54 20.06
C GLY A 32 -18.67 28.69 18.93
N VAL A 33 -18.57 29.21 17.71
CA VAL A 33 -18.02 28.37 16.62
C VAL A 33 -16.49 28.21 16.78
N PRO A 34 -15.97 27.02 16.50
CA PRO A 34 -14.53 26.85 16.63
C PRO A 34 -13.76 27.47 15.47
N VAL A 35 -12.60 28.02 15.80
CA VAL A 35 -11.79 28.73 14.82
C VAL A 35 -10.33 28.31 14.95
N ALA A 36 -9.59 28.59 13.88
CA ALA A 36 -8.15 28.53 13.87
C ALA A 36 -7.66 29.97 13.86
N ILE A 37 -6.62 30.23 14.65
CA ILE A 37 -6.04 31.55 14.75
C ILE A 37 -4.54 31.48 14.46
N LYS A 38 -4.10 32.16 13.40
CA LYS A 38 -2.71 32.20 13.02
C LYS A 38 -2.12 33.54 13.41
N PHE A 39 -0.90 33.51 13.95
CA PHE A 39 -0.17 34.70 14.36
C PHE A 39 1.12 34.74 13.57
N GLU A 40 1.37 35.85 12.89
CA GLU A 40 2.56 36.08 12.10
C GLU A 40 3.34 37.23 12.73
N PRO A 41 4.66 37.04 13.00
CA PRO A 41 5.43 38.18 13.50
C PRO A 41 5.27 39.41 12.63
N ARG A 42 5.01 40.57 13.24
CA ARG A 42 4.82 41.82 12.49
C ARG A 42 6.03 42.21 11.64
N LYS A 43 7.23 41.98 12.18
CA LYS A 43 8.48 42.29 11.50
C LYS A 43 9.02 40.98 10.98
N THR A 44 8.60 40.65 9.76
CA THR A 44 8.99 39.40 9.11
C THR A 44 9.51 39.75 7.72
N GLU A 45 10.41 38.91 7.18
CA GLU A 45 11.04 39.16 5.89
C GLU A 45 10.00 39.29 4.77
N ALA A 46 9.11 38.31 4.69
CA ALA A 46 8.00 38.30 3.72
C ALA A 46 6.68 38.11 4.46
N PRO A 47 5.79 39.12 4.46
CA PRO A 47 4.51 38.94 5.14
C PRO A 47 3.47 38.36 4.20
N GLN A 48 2.85 37.26 4.58
CA GLN A 48 1.82 36.61 3.77
C GLN A 48 0.40 36.75 4.33
N LEU A 49 0.28 37.03 5.63
CA LEU A 49 -1.01 36.88 6.31
C LEU A 49 -2.08 37.86 5.87
N ARG A 50 -1.71 39.14 5.75
CA ARG A 50 -2.64 40.17 5.29
C ARG A 50 -3.08 39.86 3.85
N ASP A 51 -2.13 39.52 2.99
CA ASP A 51 -2.47 39.11 1.60
C ASP A 51 -3.35 37.87 1.58
N GLU A 52 -3.08 36.91 2.47
CA GLU A 52 -3.92 35.73 2.54
C GLU A 52 -5.35 36.07 2.95
N TYR A 53 -5.50 36.96 3.91
CA TYR A 53 -6.82 37.46 4.27
C TYR A 53 -7.57 38.05 3.07
N LYS A 54 -6.87 38.88 2.31
CA LYS A 54 -7.46 39.46 1.11
C LYS A 54 -7.94 38.36 0.14
N THR A 55 -7.15 37.29 0.01
CA THR A 55 -7.57 36.15 -0.80
C THR A 55 -8.79 35.48 -0.19
N TYR A 56 -8.79 35.25 1.11
CA TYR A 56 -9.98 34.70 1.79
C TYR A 56 -11.24 35.55 1.60
N LYS A 57 -11.12 36.88 1.64
CA LYS A 57 -12.30 37.75 1.41
C LYS A 57 -12.88 37.60 -0.01
N ILE A 58 -11.99 37.46 -0.99
CA ILE A 58 -12.44 37.16 -2.36
C ILE A 58 -13.19 35.83 -2.36
N LEU A 59 -12.64 34.83 -1.66
CA LEU A 59 -13.27 33.50 -1.62
C LEU A 59 -14.48 33.38 -0.70
N ASN A 60 -14.55 34.24 0.34
CA ASN A 60 -15.59 34.11 1.39
C ASN A 60 -16.97 33.87 0.75
N GLY A 61 -17.58 32.74 1.09
CA GLY A 61 -18.82 32.28 0.46
C GLY A 61 -18.67 31.05 -0.43
N THR A 62 -17.44 30.68 -0.76
CA THR A 62 -17.19 29.50 -1.60
C THR A 62 -17.34 28.22 -0.77
N PRO A 63 -18.15 27.25 -1.26
CA PRO A 63 -18.34 25.99 -0.55
C PRO A 63 -17.03 25.27 -0.20
N ASN A 64 -16.92 24.83 1.06
CA ASN A 64 -15.79 24.06 1.54
C ASN A 64 -14.43 24.79 1.55
N ILE A 65 -14.48 26.12 1.59
CA ILE A 65 -13.32 26.91 1.89
C ILE A 65 -13.69 27.65 3.18
N PRO A 66 -12.83 27.56 4.21
CA PRO A 66 -13.18 28.17 5.48
C PRO A 66 -13.40 29.68 5.40
N TYR A 67 -14.38 30.17 6.16
CA TYR A 67 -14.69 31.60 6.23
C TYR A 67 -13.60 32.30 7.05
N ALA A 68 -13.17 33.48 6.59
CA ALA A 68 -12.25 34.33 7.35
C ALA A 68 -13.04 35.37 8.14
N TYR A 69 -12.97 35.25 9.46
CA TYR A 69 -13.74 36.09 10.39
C TYR A 69 -13.04 37.41 10.72
N TYR A 70 -11.71 37.38 10.80
CA TYR A 70 -10.99 38.52 11.34
C TYR A 70 -9.54 38.55 10.86
N PHE A 71 -9.10 39.76 10.53
CA PHE A 71 -7.68 40.05 10.40
C PHE A 71 -7.40 41.33 11.14
N GLY A 72 -6.29 41.36 11.86
CA GLY A 72 -5.87 42.59 12.53
C GLY A 72 -4.46 42.48 13.05
N GLN A 73 -3.93 43.58 13.57
CA GLN A 73 -2.61 43.60 14.16
C GLN A 73 -2.78 43.94 15.64
N GLU A 74 -2.30 43.05 16.50
CA GLU A 74 -2.36 43.23 17.95
C GLU A 74 -1.09 42.69 18.59
N GLY A 75 -0.63 43.37 19.63
CA GLY A 75 0.66 43.06 20.24
C GLY A 75 1.74 43.20 19.20
N LEU A 76 2.53 42.16 19.04
CA LEU A 76 3.61 42.14 18.05
C LEU A 76 3.32 41.21 16.87
N HIS A 77 2.04 40.89 16.63
CA HIS A 77 1.67 39.95 15.58
C HIS A 77 0.55 40.47 14.67
N ASN A 78 0.54 39.96 13.44
CA ASN A 78 -0.62 40.03 12.56
C ASN A 78 -1.44 38.78 12.86
N ILE A 79 -2.77 38.90 12.83
CA ILE A 79 -3.63 37.80 13.27
C ILE A 79 -4.71 37.55 12.24
N LEU A 80 -4.94 36.26 11.92
CA LEU A 80 -5.97 35.83 11.02
C LEU A 80 -6.82 34.75 11.70
N VAL A 81 -8.14 34.91 11.65
CA VAL A 81 -9.08 33.93 12.21
C VAL A 81 -9.97 33.35 11.13
N ILE A 82 -9.95 32.03 10.99
CA ILE A 82 -10.83 31.33 10.03
C ILE A 82 -11.48 30.13 10.72
N ASP A 83 -12.46 29.52 10.04
CA ASP A 83 -13.10 28.29 10.53
C ASP A 83 -12.05 27.22 10.82
N LEU A 84 -12.25 26.51 11.93
CA LEU A 84 -11.42 25.37 12.27
C LEU A 84 -11.87 24.15 11.48
N LEU A 85 -10.90 23.46 10.89
CA LEU A 85 -11.22 22.26 10.12
C LEU A 85 -10.57 21.04 10.78
N GLY A 86 -10.71 19.88 10.13
CA GLY A 86 -10.14 18.64 10.64
C GLY A 86 -8.77 18.35 10.08
N PRO A 87 -8.32 17.09 10.20
CA PRO A 87 -7.02 16.63 9.68
C PRO A 87 -6.84 16.88 8.18
N SER A 88 -5.60 17.08 7.74
CA SER A 88 -5.30 17.18 6.30
C SER A 88 -5.31 15.79 5.69
N LEU A 89 -5.37 15.75 4.37
CA LEU A 89 -5.28 14.47 3.68
C LEU A 89 -3.92 13.82 3.92
N GLU A 90 -2.87 14.61 4.11
CA GLU A 90 -1.55 14.04 4.45
C GLU A 90 -1.57 13.39 5.84
N ASP A 91 -2.28 14.00 6.79
CA ASP A 91 -2.44 13.38 8.13
C ASP A 91 -3.20 12.06 8.04
N LEU A 92 -4.31 12.09 7.31
CA LEU A 92 -5.14 10.90 7.11
C LEU A 92 -4.41 9.78 6.37
N PHE A 93 -3.65 10.19 5.35
CA PHE A 93 -2.79 9.29 4.57
C PHE A 93 -1.82 8.54 5.48
N ASP A 94 -1.12 9.30 6.33
CA ASP A 94 -0.19 8.74 7.30
C ASP A 94 -0.87 7.75 8.22
N TRP A 95 -2.01 8.14 8.77
CA TRP A 95 -2.76 7.24 9.66
C TRP A 95 -3.22 5.98 8.93
N CYS A 96 -3.48 6.09 7.63
CA CYS A 96 -3.89 4.95 6.81
C CYS A 96 -2.72 4.17 6.18
N GLY A 97 -1.50 4.36 6.69
CA GLY A 97 -0.33 3.60 6.24
C GLY A 97 0.21 4.07 4.90
N ARG A 98 -0.06 5.34 4.56
CA ARG A 98 0.48 5.97 3.33
C ARG A 98 0.10 5.23 2.04
N LYS A 99 -1.15 4.78 2.00
CA LYS A 99 -1.77 4.33 0.75
C LYS A 99 -3.27 4.45 0.92
N PHE A 100 -3.93 5.01 -0.08
CA PHE A 100 -5.39 5.04 -0.07
C PHE A 100 -5.92 4.06 -1.10
N SER A 101 -7.06 3.46 -0.78
CA SER A 101 -7.82 2.65 -1.74
C SER A 101 -8.26 3.49 -2.96
N VAL A 102 -8.54 2.79 -4.05
CA VAL A 102 -9.07 3.45 -5.24
C VAL A 102 -10.36 4.22 -4.95
N LYS A 103 -11.29 3.62 -4.21
CA LYS A 103 -12.58 4.28 -3.95
C LYS A 103 -12.41 5.59 -3.18
N THR A 104 -11.49 5.58 -2.21
CA THR A 104 -11.19 6.80 -1.48
C THR A 104 -10.55 7.83 -2.39
N VAL A 105 -9.58 7.42 -3.20
CA VAL A 105 -8.94 8.41 -4.08
C VAL A 105 -9.91 9.00 -5.09
N VAL A 106 -10.75 8.18 -5.72
CA VAL A 106 -11.75 8.70 -6.66
C VAL A 106 -12.64 9.76 -6.00
N GLN A 107 -13.17 9.45 -4.83
CA GLN A 107 -14.08 10.36 -4.13
C GLN A 107 -13.41 11.66 -3.69
N VAL A 108 -12.17 11.56 -3.22
CA VAL A 108 -11.39 12.73 -2.83
C VAL A 108 -11.00 13.55 -4.06
N ALA A 109 -10.59 12.87 -5.13
CA ALA A 109 -10.17 13.52 -6.38
C ALA A 109 -11.25 14.43 -6.96
N VAL A 110 -12.46 13.90 -7.05
CA VAL A 110 -13.55 14.68 -7.65
C VAL A 110 -13.86 15.94 -6.83
N GLN A 111 -13.77 15.84 -5.50
CA GLN A 111 -13.94 17.00 -4.65
C GLN A 111 -12.80 18.01 -4.77
N MET A 112 -11.57 17.53 -4.92
CA MET A 112 -10.39 18.41 -5.09
C MET A 112 -10.48 19.18 -6.41
N ILE A 113 -10.90 18.50 -7.46
CA ILE A 113 -11.14 19.13 -8.78
C ILE A 113 -12.16 20.26 -8.62
N THR A 114 -13.23 20.01 -7.88
CA THR A 114 -14.28 20.99 -7.66
C THR A 114 -13.78 22.19 -6.87
N LEU A 115 -13.04 21.96 -5.79
CA LEU A 115 -12.42 23.06 -5.05
C LEU A 115 -11.58 23.95 -5.96
N ILE A 116 -10.74 23.33 -6.79
CA ILE A 116 -9.86 24.09 -7.66
C ILE A 116 -10.63 24.80 -8.76
N GLU A 117 -11.66 24.15 -9.29
CA GLU A 117 -12.58 24.83 -10.22
C GLU A 117 -13.14 26.11 -9.58
N ASP A 118 -13.59 26.01 -8.34
CA ASP A 118 -14.15 27.19 -7.67
C ASP A 118 -13.11 28.28 -7.44
N LEU A 119 -11.89 27.89 -7.11
CA LEU A 119 -10.81 28.84 -6.98
C LEU A 119 -10.56 29.55 -8.32
N HIS A 120 -10.42 28.76 -9.38
CA HIS A 120 -10.27 29.29 -10.74
C HIS A 120 -11.41 30.22 -11.14
N ALA A 121 -12.63 29.89 -10.73
CA ALA A 121 -13.81 30.75 -10.96
C ALA A 121 -13.66 32.12 -10.27
N HIS A 122 -12.91 32.16 -9.17
CA HIS A 122 -12.55 33.44 -8.49
C HIS A 122 -11.24 34.07 -9.03
N ASP A 123 -10.82 33.68 -10.24
CA ASP A 123 -9.75 34.33 -10.99
C ASP A 123 -8.35 34.02 -10.46
N LEU A 124 -8.24 32.99 -9.63
CA LEU A 124 -7.01 32.66 -8.93
C LEU A 124 -6.53 31.27 -9.29
N ILE A 125 -5.21 31.13 -9.42
CA ILE A 125 -4.59 29.81 -9.46
C ILE A 125 -3.90 29.58 -8.12
N TYR A 126 -3.78 28.31 -7.74
CA TYR A 126 -3.36 27.90 -6.40
C TYR A 126 -1.84 27.82 -6.27
N ARG A 127 -1.22 27.18 -7.27
CA ARG A 127 0.24 27.15 -7.45
C ARG A 127 1.06 26.32 -6.44
N ASP A 128 0.42 25.84 -5.38
CA ASP A 128 1.13 24.99 -4.39
C ASP A 128 0.30 23.76 -3.98
N ILE A 129 -0.23 23.07 -4.99
CA ILE A 129 -1.05 21.89 -4.75
C ILE A 129 -0.26 20.82 -3.97
N LYS A 130 -0.83 20.37 -2.86
CA LYS A 130 -0.23 19.30 -2.06
C LYS A 130 -1.31 18.76 -1.13
N PRO A 131 -1.18 17.51 -0.69
CA PRO A 131 -2.18 16.91 0.20
C PRO A 131 -2.23 17.55 1.59
N ASP A 132 -1.15 18.23 1.98
CA ASP A 132 -1.07 18.89 3.28
C ASP A 132 -2.07 20.04 3.43
N ASN A 133 -2.52 20.60 2.31
CA ASN A 133 -3.42 21.77 2.33
C ASN A 133 -4.88 21.48 2.00
N PHE A 134 -5.23 20.21 1.82
CA PHE A 134 -6.59 19.80 1.65
C PHE A 134 -6.99 19.07 2.93
N LEU A 135 -8.06 19.55 3.56
CA LEU A 135 -8.48 19.07 4.90
C LEU A 135 -9.92 18.61 4.92
N ILE A 136 -10.22 17.65 5.79
CA ILE A 136 -11.61 17.26 6.03
C ILE A 136 -12.23 18.20 7.05
N GLY A 137 -13.52 18.01 7.31
CA GLY A 137 -14.23 18.81 8.30
C GLY A 137 -14.08 18.23 9.70
N ARG A 138 -14.95 18.70 10.58
CA ARG A 138 -14.93 18.27 11.99
C ARG A 138 -16.01 17.22 12.21
N PRO A 139 -15.81 16.32 13.18
CA PRO A 139 -16.73 15.18 13.34
C PRO A 139 -18.19 15.58 13.51
N GLY A 140 -19.09 14.86 12.84
CA GLY A 140 -20.52 15.08 12.97
C GLY A 140 -21.10 16.29 12.28
N GLN A 141 -20.25 17.07 11.62
CA GLN A 141 -20.73 18.19 10.83
C GLN A 141 -21.18 17.64 9.50
N PRO A 142 -22.08 18.37 8.80
CA PRO A 142 -22.47 17.92 7.46
C PRO A 142 -21.30 17.79 6.49
N ASP A 143 -20.22 18.53 6.74
CA ASP A 143 -19.03 18.45 5.90
C ASP A 143 -17.86 17.70 6.57
N ALA A 144 -18.16 16.82 7.52
CA ALA A 144 -17.14 16.10 8.29
C ALA A 144 -16.09 15.42 7.41
N ASN A 145 -16.53 14.74 6.35
CA ASN A 145 -15.64 14.04 5.44
C ASN A 145 -15.53 14.69 4.06
N ASN A 146 -16.07 15.89 3.92
CA ASN A 146 -15.87 16.71 2.72
C ASN A 146 -14.44 17.23 2.70
N ILE A 147 -13.87 17.33 1.50
CA ILE A 147 -12.56 17.96 1.34
C ILE A 147 -12.76 19.49 1.31
N HIS A 148 -11.82 20.17 1.97
CA HIS A 148 -11.75 21.62 2.06
C HIS A 148 -10.35 22.07 1.63
N LEU A 149 -10.22 23.33 1.21
CA LEU A 149 -8.93 23.86 0.79
C LEU A 149 -8.51 25.04 1.65
N ILE A 150 -7.26 25.01 2.12
CA ILE A 150 -6.67 26.14 2.85
C ILE A 150 -5.31 26.53 2.26
N ASP A 151 -4.74 27.59 2.84
CA ASP A 151 -3.38 28.05 2.61
C ASP A 151 -3.22 28.67 1.22
N PHE A 152 -3.54 29.95 1.15
CA PHE A 152 -3.58 30.65 -0.13
C PHE A 152 -2.38 31.56 -0.33
N GLY A 153 -1.30 31.22 0.38
CA GLY A 153 -0.07 32.00 0.36
C GLY A 153 0.56 32.09 -1.01
N MET A 154 0.44 31.04 -1.81
CA MET A 154 1.01 31.03 -3.16
C MET A 154 0.02 31.43 -4.25
N ALA A 155 -1.24 31.66 -3.89
CA ALA A 155 -2.26 31.93 -4.89
C ALA A 155 -1.99 33.26 -5.61
N LYS A 156 -2.35 33.29 -6.88
CA LYS A 156 -2.08 34.40 -7.76
C LYS A 156 -3.20 34.53 -8.77
N GLN A 157 -3.42 35.75 -9.22
CA GLN A 157 -4.42 36.04 -10.22
C GLN A 157 -3.93 35.53 -11.59
N TYR A 158 -4.73 34.71 -12.27
CA TYR A 158 -4.42 34.24 -13.65
C TYR A 158 -5.22 35.00 -14.72
N ARG A 159 -6.25 35.74 -14.31
CA ARG A 159 -7.00 36.58 -15.25
C ARG A 159 -7.55 37.81 -14.53
N ASP A 160 -7.79 38.88 -15.27
CA ASP A 160 -8.36 40.08 -14.64
C ASP A 160 -9.80 39.80 -14.16
N PRO A 161 -10.13 40.14 -12.88
CA PRO A 161 -11.48 39.84 -12.39
C PRO A 161 -12.62 40.51 -13.15
N LYS A 162 -12.41 41.72 -13.65
CA LYS A 162 -13.44 42.43 -14.42
C LYS A 162 -13.56 41.89 -15.86
N THR A 163 -12.47 41.95 -16.62
CA THR A 163 -12.49 41.60 -18.06
C THR A 163 -12.32 40.10 -18.38
N LYS A 164 -11.68 39.36 -17.45
CA LYS A 164 -11.30 37.96 -17.64
C LYS A 164 -10.13 37.79 -18.62
N GLN A 165 -9.36 38.86 -18.85
CA GLN A 165 -8.17 38.79 -19.71
C GLN A 165 -7.10 37.94 -19.04
N HIS A 166 -6.73 36.84 -19.69
CA HIS A 166 -5.73 35.94 -19.17
C HIS A 166 -4.37 36.63 -19.05
N ILE A 167 -3.62 36.30 -18.01
CA ILE A 167 -2.24 36.78 -17.89
C ILE A 167 -1.39 36.37 -19.11
N PRO A 168 -0.33 37.15 -19.41
CA PRO A 168 0.52 36.79 -20.55
C PRO A 168 1.39 35.56 -20.32
N TYR A 169 1.67 34.83 -21.41
CA TYR A 169 2.64 33.74 -21.39
C TYR A 169 4.04 34.27 -21.24
N ARG A 170 4.88 33.54 -20.52
CA ARG A 170 6.31 33.83 -20.44
C ARG A 170 7.07 32.58 -19.98
N GLU A 171 8.37 32.62 -20.15
CA GLU A 171 9.26 31.55 -19.73
C GLU A 171 10.36 32.15 -18.84
N LYS A 172 11.36 31.35 -18.49
CA LYS A 172 12.50 31.77 -17.63
C LYS A 172 12.12 32.10 -16.19
N LYS A 173 11.00 31.56 -15.70
CA LYS A 173 10.59 31.82 -14.33
C LYS A 173 11.36 30.93 -13.36
N SER A 174 11.66 31.47 -12.19
CA SER A 174 12.32 30.70 -11.13
C SER A 174 11.29 29.71 -10.55
N LEU A 175 11.77 28.58 -10.06
CA LEU A 175 10.88 27.49 -9.64
C LEU A 175 10.11 27.81 -8.35
N SER A 176 8.78 27.79 -8.46
CA SER A 176 7.87 28.08 -7.34
C SER A 176 6.98 26.88 -7.09
N GLY A 177 6.82 26.52 -5.81
CA GLY A 177 6.00 25.39 -5.40
C GLY A 177 6.84 24.20 -4.97
N THR A 178 6.15 23.12 -4.63
CA THR A 178 6.81 21.91 -4.12
C THR A 178 7.17 21.00 -5.28
N ALA A 179 8.41 20.54 -5.28
CA ALA A 179 8.98 19.78 -6.39
C ALA A 179 8.25 18.47 -6.67
N ARG A 180 7.72 17.84 -5.63
CA ARG A 180 7.11 16.53 -5.79
C ARG A 180 5.88 16.52 -6.70
N TYR A 181 5.08 17.58 -6.66
CA TYR A 181 3.79 17.61 -7.38
C TYR A 181 3.73 18.56 -8.56
N MET A 182 4.71 19.44 -8.66
CA MET A 182 4.76 20.49 -9.68
C MET A 182 4.69 19.95 -11.12
N SER A 183 4.04 20.72 -11.99
CA SER A 183 3.85 20.33 -13.38
C SER A 183 5.17 20.34 -14.13
N ILE A 184 5.20 19.60 -15.22
CA ILE A 184 6.34 19.61 -16.13
C ILE A 184 6.60 21.03 -16.63
N ASN A 185 5.56 21.76 -17.01
CA ASN A 185 5.77 23.13 -17.50
C ASN A 185 6.35 24.06 -16.43
N THR A 186 5.97 23.86 -15.17
CA THR A 186 6.56 24.63 -14.08
C THR A 186 8.07 24.33 -13.98
N HIS A 187 8.44 23.05 -14.09
CA HIS A 187 9.86 22.66 -14.15
C HIS A 187 10.66 23.36 -15.26
N LEU A 188 10.02 23.60 -16.40
CA LEU A 188 10.67 24.26 -17.54
C LEU A 188 10.67 25.79 -17.43
N GLY A 189 10.29 26.33 -16.27
CA GLY A 189 10.28 27.78 -16.06
C GLY A 189 9.17 28.53 -16.76
N ARG A 190 8.10 27.83 -17.16
CA ARG A 190 6.97 28.45 -17.82
C ARG A 190 6.00 29.07 -16.83
N GLU A 191 5.39 30.19 -17.23
CA GLU A 191 4.36 30.85 -16.45
C GLU A 191 3.29 29.85 -16.10
N GLN A 192 2.87 29.82 -14.83
CA GLN A 192 1.81 28.93 -14.38
C GLN A 192 0.43 29.44 -14.74
N SER A 193 -0.46 28.52 -15.08
CA SER A 193 -1.87 28.83 -15.31
C SER A 193 -2.75 27.68 -14.75
N ARG A 194 -4.02 27.63 -15.13
CA ARG A 194 -4.96 26.65 -14.57
C ARG A 194 -4.52 25.21 -14.81
N ARG A 195 -3.98 24.93 -15.99
CA ARG A 195 -3.50 23.59 -16.30
C ARG A 195 -2.51 23.04 -15.25
N ASP A 196 -1.66 23.91 -14.72
CA ASP A 196 -0.62 23.47 -13.80
C ASP A 196 -1.17 23.00 -12.47
N ASP A 197 -2.24 23.64 -12.00
CA ASP A 197 -2.99 23.13 -10.83
C ASP A 197 -3.60 21.76 -11.13
N MET A 198 -4.14 21.60 -12.33
CA MET A 198 -4.76 20.31 -12.69
C MET A 198 -3.75 19.17 -12.80
N GLU A 199 -2.58 19.46 -13.33
CA GLU A 199 -1.54 18.43 -13.43
C GLU A 199 -1.00 18.07 -12.05
N ALA A 200 -0.81 19.08 -11.20
CA ALA A 200 -0.34 18.81 -9.86
C ALA A 200 -1.34 17.93 -9.11
N LEU A 201 -2.64 18.16 -9.34
CA LEU A 201 -3.66 17.26 -8.78
C LEU A 201 -3.46 15.82 -9.23
N GLY A 202 -3.20 15.63 -10.52
CA GLY A 202 -2.93 14.29 -11.04
C GLY A 202 -1.75 13.61 -10.38
N HIS A 203 -0.71 14.39 -10.09
CA HIS A 203 0.42 13.85 -9.34
C HIS A 203 0.03 13.45 -7.93
N VAL A 204 -0.79 14.28 -7.27
CA VAL A 204 -1.23 13.95 -5.92
C VAL A 204 -2.09 12.69 -5.95
N PHE A 205 -2.92 12.53 -6.97
CA PHE A 205 -3.79 11.33 -7.04
C PHE A 205 -2.93 10.08 -7.11
N PHE A 206 -1.90 10.10 -7.95
CA PHE A 206 -1.00 8.94 -8.05
C PHE A 206 -0.21 8.66 -6.79
N TYR A 207 0.21 9.73 -6.13
CA TYR A 207 0.87 9.63 -4.83
C TYR A 207 -0.01 8.91 -3.81
N PHE A 208 -1.31 9.25 -3.77
CA PHE A 208 -2.25 8.56 -2.88
C PHE A 208 -2.40 7.08 -3.22
N LEU A 209 -2.51 6.79 -4.51
CA LEU A 209 -2.76 5.43 -4.97
C LEU A 209 -1.56 4.52 -4.84
N ARG A 210 -0.37 5.08 -5.07
CA ARG A 210 0.88 4.31 -5.08
C ARG A 210 1.62 4.34 -3.76
N GLY A 211 1.47 5.42 -3.00
CA GLY A 211 2.25 5.64 -1.76
C GLY A 211 3.50 6.45 -1.97
N HIS A 212 3.94 6.59 -3.23
CA HIS A 212 5.13 7.35 -3.57
C HIS A 212 5.12 7.57 -5.08
N LEU A 213 5.85 8.58 -5.55
CA LEU A 213 6.02 8.81 -6.98
C LEU A 213 7.45 8.46 -7.37
N PRO A 214 7.67 8.05 -8.64
CA PRO A 214 9.01 7.61 -9.06
C PRO A 214 10.10 8.69 -9.06
N TRP A 215 9.75 9.95 -8.85
CA TRP A 215 10.74 11.02 -8.77
C TRP A 215 11.01 11.49 -7.33
N GLN A 216 10.60 10.69 -6.35
CA GLN A 216 11.00 10.92 -4.95
C GLN A 216 12.32 10.20 -4.71
N GLY A 217 13.14 10.77 -3.84
CA GLY A 217 14.41 10.17 -3.44
C GLY A 217 15.52 10.24 -4.46
N LEU A 218 15.52 11.27 -5.30
CA LEU A 218 16.60 11.49 -6.26
C LEU A 218 17.74 12.33 -5.68
N LYS A 219 18.96 12.07 -6.15
CA LYS A 219 20.15 12.75 -5.67
C LYS A 219 20.66 13.78 -6.69
N ALA A 220 21.01 14.97 -6.20
CA ALA A 220 21.62 16.02 -7.01
C ALA A 220 22.61 16.84 -6.20
N PRO A 221 23.62 17.45 -6.86
CA PRO A 221 24.57 18.33 -6.17
C PRO A 221 23.91 19.54 -5.49
N ASN A 222 22.98 20.20 -6.19
CA ASN A 222 22.24 21.36 -5.65
C ASN A 222 20.74 21.22 -5.88
N ASN A 223 19.97 22.09 -5.25
CA ASN A 223 18.50 22.09 -5.38
C ASN A 223 18.03 22.38 -6.80
N LYS A 224 18.70 23.29 -7.49
CA LYS A 224 18.36 23.60 -8.88
C LYS A 224 18.52 22.38 -9.78
N GLN A 225 19.60 21.63 -9.59
CA GLN A 225 19.84 20.38 -10.33
C GLN A 225 18.84 19.29 -9.93
N LYS A 226 18.46 19.25 -8.66
CA LYS A 226 17.45 18.29 -8.19
C LYS A 226 16.10 18.57 -8.84
N TYR A 227 15.68 19.83 -8.84
CA TYR A 227 14.50 20.28 -9.59
C TYR A 227 14.56 19.80 -11.04
N GLU A 228 15.72 20.00 -11.68
CA GLU A 228 15.92 19.61 -13.08
C GLU A 228 15.75 18.10 -13.29
N LYS A 229 16.38 17.30 -12.43
CA LYS A 229 16.27 15.83 -12.51
C LYS A 229 14.83 15.34 -12.32
N ILE A 230 14.13 15.91 -11.34
CA ILE A 230 12.74 15.52 -11.09
C ILE A 230 11.87 15.81 -12.32
N GLY A 231 12.09 16.97 -12.93
CA GLY A 231 11.38 17.35 -14.14
C GLY A 231 11.62 16.40 -15.30
N GLU A 232 12.87 15.98 -15.47
CA GLU A 232 13.21 15.04 -16.53
C GLU A 232 12.49 13.71 -16.31
N LYS A 233 12.53 13.21 -15.08
CA LYS A 233 11.86 11.95 -14.73
C LYS A 233 10.34 12.03 -15.00
N LYS A 234 9.73 13.15 -14.65
CA LYS A 234 8.31 13.39 -14.94
C LYS A 234 8.04 13.34 -16.43
N ARG A 235 8.87 14.03 -17.20
CA ARG A 235 8.78 14.03 -18.67
C ARG A 235 8.96 12.60 -19.25
N SER A 236 9.90 11.84 -18.69
CA SER A 236 10.21 10.49 -19.16
C SER A 236 9.15 9.45 -18.79
N THR A 237 8.44 9.66 -17.68
CA THR A 237 7.61 8.60 -17.12
C THR A 237 6.29 8.54 -17.84
N ASN A 238 6.08 7.46 -18.57
CA ASN A 238 4.82 7.20 -19.26
C ASN A 238 3.68 7.14 -18.22
N VAL A 239 2.56 7.79 -18.53
CA VAL A 239 1.44 7.88 -17.58
C VAL A 239 0.93 6.51 -17.15
N TYR A 240 1.07 5.52 -18.03
CA TYR A 240 0.64 4.17 -17.67
C TYR A 240 1.66 3.36 -16.86
N ASP A 241 2.92 3.81 -16.77
CA ASP A 241 3.80 3.32 -15.68
C ASP A 241 3.33 3.80 -14.30
N LEU A 242 2.86 5.05 -14.24
CA LEU A 242 2.27 5.56 -12.99
C LEU A 242 1.00 4.78 -12.62
N ALA A 243 0.20 4.38 -13.61
CA ALA A 243 -1.09 3.70 -13.40
C ALA A 243 -1.08 2.17 -13.36
N GLN A 244 0.10 1.55 -13.30
CA GLN A 244 0.14 0.11 -13.36
C GLN A 244 -0.45 -0.46 -12.07
N GLY A 245 -1.36 -1.43 -12.26
CA GLY A 245 -2.16 -2.00 -11.17
C GLY A 245 -3.29 -1.09 -10.70
N LEU A 246 -3.49 0.04 -11.39
CA LEU A 246 -4.48 1.05 -10.99
C LEU A 246 -5.41 1.32 -12.16
N PRO A 247 -6.55 1.97 -11.91
CA PRO A 247 -7.43 2.26 -13.03
C PRO A 247 -6.75 3.16 -14.07
N VAL A 248 -6.85 2.75 -15.33
CA VAL A 248 -6.27 3.52 -16.45
C VAL A 248 -6.78 4.97 -16.53
N GLN A 249 -7.98 5.23 -16.02
CA GLN A 249 -8.53 6.58 -15.96
C GLN A 249 -7.62 7.60 -15.28
N PHE A 250 -6.86 7.16 -14.27
CA PHE A 250 -5.91 8.08 -13.62
C PHE A 250 -4.73 8.44 -14.52
N GLY A 251 -4.30 7.49 -15.36
CA GLY A 251 -3.27 7.76 -16.37
C GLY A 251 -3.80 8.70 -17.42
N ARG A 252 -5.03 8.43 -17.85
CA ARG A 252 -5.70 9.25 -18.85
C ARG A 252 -5.94 10.67 -18.36
N TYR A 253 -6.32 10.80 -17.08
CA TYR A 253 -6.51 12.11 -16.49
C TYR A 253 -5.25 12.95 -16.64
N LEU A 254 -4.12 12.39 -16.23
CA LEU A 254 -2.86 13.10 -16.26
C LEU A 254 -2.41 13.41 -17.70
N GLU A 255 -2.61 12.48 -18.62
CA GLU A 255 -2.34 12.72 -20.03
C GLU A 255 -3.12 13.92 -20.55
N ILE A 256 -4.41 13.97 -20.25
CA ILE A 256 -5.26 15.06 -20.70
C ILE A 256 -4.80 16.41 -20.14
N VAL A 257 -4.58 16.50 -18.83
CA VAL A 257 -4.21 17.81 -18.27
C VAL A 257 -2.81 18.26 -18.66
N ARG A 258 -1.92 17.32 -18.94
CA ARG A 258 -0.61 17.65 -19.50
C ARG A 258 -0.67 18.25 -20.92
N SER A 259 -1.75 18.00 -21.65
CA SER A 259 -1.90 18.50 -23.01
C SER A 259 -2.70 19.80 -23.09
N LEU A 260 -3.19 20.32 -21.97
CA LEU A 260 -3.91 21.61 -21.97
C LEU A 260 -2.99 22.75 -22.46
N SER A 261 -3.53 23.67 -23.22
CA SER A 261 -2.77 24.85 -23.63
C SER A 261 -2.77 25.90 -22.48
N PHE A 262 -1.90 26.89 -22.59
CA PHE A 262 -1.62 27.83 -21.51
C PHE A 262 -2.87 28.55 -21.02
N GLU A 263 -3.67 29.06 -21.97
CA GLU A 263 -4.88 29.82 -21.60
C GLU A 263 -6.12 28.95 -21.44
N GLU A 264 -6.00 27.65 -21.73
CA GLU A 264 -7.17 26.77 -21.86
C GLU A 264 -7.90 26.53 -20.54
N CYS A 265 -9.22 26.56 -20.62
CA CYS A 265 -10.10 26.23 -19.51
C CYS A 265 -10.17 24.72 -19.34
N PRO A 266 -9.80 24.22 -18.16
CA PRO A 266 -9.92 22.77 -17.95
C PRO A 266 -11.35 22.25 -18.07
N ASP A 267 -11.49 21.02 -18.55
CA ASP A 267 -12.81 20.35 -18.60
C ASP A 267 -13.09 19.67 -17.25
N TYR A 268 -13.41 20.46 -16.24
CA TYR A 268 -13.53 19.94 -14.86
C TYR A 268 -14.56 18.81 -14.76
N GLU A 269 -15.72 19.02 -15.37
CA GLU A 269 -16.81 18.05 -15.33
C GLU A 269 -16.43 16.76 -16.05
N GLY A 270 -15.80 16.88 -17.22
CA GLY A 270 -15.23 15.72 -17.92
C GLY A 270 -14.26 14.92 -17.05
N TYR A 271 -13.41 15.63 -16.30
CA TYR A 271 -12.47 14.96 -15.41
C TYR A 271 -13.19 14.22 -14.28
N ARG A 272 -14.20 14.85 -13.70
CA ARG A 272 -14.99 14.20 -12.65
C ARG A 272 -15.69 12.94 -13.16
N LYS A 273 -16.33 13.03 -14.32
CA LYS A 273 -16.99 11.86 -14.95
C LYS A 273 -15.98 10.74 -15.31
N LEU A 274 -14.83 11.11 -15.86
CA LEU A 274 -13.75 10.16 -16.14
C LEU A 274 -13.37 9.38 -14.88
N LEU A 275 -13.10 10.11 -13.80
CA LEU A 275 -12.69 9.46 -12.55
C LEU A 275 -13.82 8.67 -11.88
N LEU A 276 -15.04 9.19 -11.90
CA LEU A 276 -16.21 8.44 -11.35
C LEU A 276 -16.51 7.12 -12.10
N SER A 277 -16.23 7.09 -13.41
CA SER A 277 -16.40 5.87 -14.21
C SER A 277 -15.57 4.68 -13.68
N VAL A 278 -14.48 4.98 -12.97
CA VAL A 278 -13.68 3.95 -12.29
C VAL A 278 -14.55 3.13 -11.34
N LEU A 279 -15.43 3.82 -10.64
CA LEU A 279 -16.29 3.17 -9.65
C LEU A 279 -17.29 2.24 -10.36
N ASP A 280 -17.86 2.71 -11.48
CA ASP A 280 -18.71 1.88 -12.34
C ASP A 280 -17.95 0.63 -12.79
N ASP A 281 -16.70 0.78 -13.19
CA ASP A 281 -15.88 -0.35 -13.62
C ASP A 281 -15.69 -1.36 -12.50
N LEU A 282 -15.45 -0.87 -11.29
CA LEU A 282 -15.21 -1.74 -10.13
C LEU A 282 -16.49 -2.20 -9.41
N GLY A 283 -17.66 -1.77 -9.89
CA GLY A 283 -18.93 -2.06 -9.23
C GLY A 283 -19.09 -1.37 -7.88
N GLU A 284 -18.34 -0.29 -7.68
CA GLU A 284 -18.37 0.48 -6.42
C GLU A 284 -19.28 1.68 -6.63
N THR A 285 -19.52 2.39 -5.54
CA THR A 285 -20.40 3.55 -5.55
C THR A 285 -19.78 4.68 -4.72
N ALA A 286 -20.05 5.93 -5.12
CA ALA A 286 -19.56 7.10 -4.38
C ALA A 286 -20.51 7.39 -3.22
N ASP A 287 -20.42 6.58 -2.18
CA ASP A 287 -21.39 6.63 -1.05
C ASP A 287 -20.85 7.30 0.22
N GLY A 288 -19.69 7.94 0.12
CA GLY A 288 -19.10 8.69 1.23
C GLY A 288 -18.37 7.86 2.28
N GLN A 289 -17.96 6.64 1.92
CA GLN A 289 -17.14 5.80 2.78
C GLN A 289 -15.70 5.96 2.38
N TYR A 290 -14.86 6.38 3.33
CA TYR A 290 -13.45 6.65 3.10
C TYR A 290 -12.61 5.78 4.02
N ASP A 291 -11.35 5.55 3.64
CA ASP A 291 -10.46 4.62 4.39
C ASP A 291 -10.30 5.01 5.84
N TRP A 292 -10.18 6.30 6.09
CA TRP A 292 -10.04 6.81 7.46
C TRP A 292 -11.23 6.55 8.40
N MET A 293 -12.42 6.28 7.84
CA MET A 293 -13.61 5.94 8.64
C MET A 293 -13.56 4.51 9.21
N LYS A 294 -12.61 3.71 8.75
CA LYS A 294 -12.30 2.40 9.34
C LYS A 294 -11.27 2.50 10.49
N LEU A 295 -10.54 3.61 10.59
CA LEU A 295 -9.60 3.79 11.69
C LEU A 295 -10.34 3.73 13.03
N SER B 2 -10.12 -20.94 -27.30
CA SER B 2 -11.55 -21.26 -27.59
C SER B 2 -12.21 -22.21 -26.57
N THR B 3 -11.41 -22.93 -25.78
CA THR B 3 -11.93 -23.88 -24.76
C THR B 3 -12.43 -23.15 -23.50
N ILE B 4 -13.65 -23.51 -23.05
CA ILE B 4 -14.32 -22.88 -21.89
C ILE B 4 -14.64 -23.89 -20.78
N VAL B 5 -14.27 -23.56 -19.55
CA VAL B 5 -14.65 -24.33 -18.36
C VAL B 5 -15.30 -23.42 -17.32
N GLY B 6 -16.02 -24.05 -16.39
CA GLY B 6 -16.65 -23.35 -15.27
C GLY B 6 -17.58 -22.23 -15.69
N LEU B 7 -18.34 -22.49 -16.75
CA LEU B 7 -19.28 -21.54 -17.39
C LEU B 7 -18.63 -20.38 -18.16
N HIS B 8 -17.54 -19.78 -17.64
CA HIS B 8 -16.96 -18.60 -18.29
C HIS B 8 -15.47 -18.37 -18.03
N TYR B 9 -14.69 -19.45 -17.93
CA TYR B 9 -13.22 -19.35 -17.87
C TYR B 9 -12.60 -19.93 -19.14
N LYS B 10 -11.97 -19.06 -19.93
CA LYS B 10 -11.34 -19.44 -21.19
C LYS B 10 -9.93 -19.94 -20.94
N ILE B 11 -9.59 -21.12 -21.45
CA ILE B 11 -8.27 -21.70 -21.24
C ILE B 11 -7.26 -21.04 -22.16
N GLY B 12 -6.15 -20.57 -21.59
CA GLY B 12 -5.08 -19.94 -22.35
C GLY B 12 -3.89 -20.87 -22.42
N LYS B 13 -2.68 -20.34 -22.26
CA LYS B 13 -1.49 -21.16 -22.47
C LYS B 13 -1.23 -22.11 -21.30
N LYS B 14 -0.67 -23.28 -21.62
CA LYS B 14 -0.22 -24.23 -20.62
C LYS B 14 1.00 -23.65 -19.92
N ILE B 15 1.00 -23.72 -18.58
CA ILE B 15 2.11 -23.23 -17.77
C ILE B 15 2.73 -24.28 -16.84
N GLY B 16 2.20 -25.51 -16.84
CA GLY B 16 2.72 -26.56 -15.97
C GLY B 16 2.11 -27.93 -16.21
N GLU B 17 2.85 -28.97 -15.84
CA GLU B 17 2.45 -30.33 -16.13
C GLU B 17 3.21 -31.31 -15.24
N GLY B 18 2.51 -32.26 -14.65
CA GLY B 18 3.12 -33.24 -13.76
C GLY B 18 2.17 -34.37 -13.42
N SER B 19 2.42 -35.02 -12.27
CA SER B 19 1.56 -36.08 -11.77
C SER B 19 0.19 -35.52 -11.34
N PHE B 20 0.20 -34.32 -10.77
CA PHE B 20 -1.04 -33.59 -10.43
C PHE B 20 -2.00 -33.49 -11.63
N GLY B 21 -1.44 -33.35 -12.82
CA GLY B 21 -2.20 -33.16 -14.05
C GLY B 21 -1.53 -32.06 -14.85
N VAL B 22 -2.33 -31.09 -15.32
CA VAL B 22 -1.83 -29.98 -16.14
CA VAL B 22 -1.83 -30.00 -16.15
C VAL B 22 -2.39 -28.66 -15.64
N LEU B 23 -1.59 -27.61 -15.78
CA LEU B 23 -1.96 -26.29 -15.29
C LEU B 23 -1.90 -25.30 -16.44
N PHE B 24 -2.98 -24.55 -16.62
CA PHE B 24 -3.07 -23.52 -17.67
C PHE B 24 -3.31 -22.18 -17.01
N GLU B 25 -2.90 -21.12 -17.68
CA GLU B 25 -3.45 -19.81 -17.40
C GLU B 25 -4.72 -19.62 -18.22
N GLY B 26 -5.55 -18.68 -17.79
CA GLY B 26 -6.80 -18.39 -18.47
C GLY B 26 -7.42 -17.09 -18.00
N THR B 27 -8.63 -16.84 -18.48
CA THR B 27 -9.30 -15.56 -18.25
C THR B 27 -10.78 -15.76 -17.95
N ASN B 28 -11.28 -15.05 -16.95
CA ASN B 28 -12.71 -14.90 -16.76
C ASN B 28 -13.23 -14.02 -17.89
N MET B 29 -14.12 -14.58 -18.71
CA MET B 29 -14.67 -13.88 -19.89
C MET B 29 -15.62 -12.75 -19.58
N ILE B 30 -16.22 -12.76 -18.39
CA ILE B 30 -17.18 -11.72 -18.01
C ILE B 30 -16.46 -10.43 -17.63
N ASN B 31 -15.41 -10.53 -16.81
CA ASN B 31 -14.71 -9.34 -16.26
C ASN B 31 -13.19 -9.29 -16.53
N GLY B 32 -12.66 -10.22 -17.33
CA GLY B 32 -11.25 -10.21 -17.70
C GLY B 32 -10.23 -10.51 -16.60
N VAL B 33 -10.67 -11.07 -15.48
CA VAL B 33 -9.73 -11.43 -14.39
C VAL B 33 -8.89 -12.65 -14.83
N PRO B 34 -7.55 -12.55 -14.73
CA PRO B 34 -6.73 -13.72 -15.05
C PRO B 34 -6.80 -14.80 -13.97
N VAL B 35 -6.76 -16.05 -14.41
CA VAL B 35 -6.88 -17.20 -13.52
C VAL B 35 -5.90 -18.29 -13.90
N ALA B 36 -5.61 -19.15 -12.93
CA ALA B 36 -4.94 -20.39 -13.18
C ALA B 36 -6.01 -21.46 -13.15
N ILE B 37 -5.89 -22.42 -14.05
CA ILE B 37 -6.83 -23.54 -14.14
C ILE B 37 -6.04 -24.82 -14.08
N LYS B 38 -6.29 -25.60 -13.03
CA LYS B 38 -5.63 -26.88 -12.86
C LYS B 38 -6.60 -27.96 -13.28
N PHE B 39 -6.12 -28.88 -14.12
CA PHE B 39 -6.87 -30.04 -14.55
C PHE B 39 -6.23 -31.27 -13.91
N GLU B 40 -7.04 -32.04 -13.20
CA GLU B 40 -6.63 -33.30 -12.59
C GLU B 40 -7.41 -34.41 -13.28
N PRO B 41 -6.72 -35.44 -13.81
CA PRO B 41 -7.39 -36.63 -14.36
C PRO B 41 -8.38 -37.24 -13.37
N ARG B 42 -9.55 -37.63 -13.85
CA ARG B 42 -10.65 -38.03 -12.97
C ARG B 42 -10.40 -39.37 -12.23
N LYS B 43 -9.73 -40.30 -12.91
CA LYS B 43 -9.41 -41.62 -12.33
C LYS B 43 -7.97 -41.71 -11.82
N THR B 44 -7.36 -40.57 -11.50
CA THR B 44 -6.03 -40.54 -10.90
C THR B 44 -6.00 -41.33 -9.59
N GLU B 45 -4.85 -41.96 -9.34
CA GLU B 45 -4.65 -42.78 -8.13
C GLU B 45 -4.69 -41.92 -6.86
N ALA B 46 -4.06 -40.75 -6.90
CA ALA B 46 -3.98 -39.83 -5.75
C ALA B 46 -4.76 -38.53 -6.03
N PRO B 47 -6.05 -38.46 -5.66
CA PRO B 47 -6.84 -37.28 -5.97
C PRO B 47 -6.72 -36.24 -4.86
N GLN B 48 -6.38 -35.01 -5.23
CA GLN B 48 -6.20 -33.93 -4.24
C GLN B 48 -6.91 -32.63 -4.54
N LEU B 49 -7.45 -32.47 -5.76
CA LEU B 49 -7.95 -31.18 -6.21
C LEU B 49 -9.26 -30.82 -5.52
N ARG B 50 -10.21 -31.76 -5.45
CA ARG B 50 -11.47 -31.55 -4.71
C ARG B 50 -11.23 -31.22 -3.24
N ASP B 51 -10.32 -31.98 -2.61
CA ASP B 51 -9.97 -31.74 -1.19
C ASP B 51 -9.25 -30.39 -1.02
N GLU B 52 -8.41 -30.02 -1.98
CA GLU B 52 -7.78 -28.71 -1.94
C GLU B 52 -8.81 -27.61 -2.10
N TYR B 53 -9.82 -27.83 -2.94
CA TYR B 53 -10.91 -26.89 -3.07
C TYR B 53 -11.67 -26.65 -1.76
N LYS B 54 -11.94 -27.73 -1.02
CA LYS B 54 -12.59 -27.63 0.30
C LYS B 54 -11.81 -26.71 1.25
N THR B 55 -10.48 -26.77 1.19
CA THR B 55 -9.64 -25.84 1.95
C THR B 55 -9.77 -24.41 1.41
N TYR B 56 -9.73 -24.25 0.09
CA TYR B 56 -9.93 -22.92 -0.50
C TYR B 56 -11.27 -22.28 -0.14
N LYS B 57 -12.34 -23.08 -0.13
CA LYS B 57 -13.67 -22.59 0.26
C LYS B 57 -13.66 -21.96 1.66
N ILE B 58 -12.92 -22.57 2.57
CA ILE B 58 -12.73 -22.04 3.93
C ILE B 58 -11.96 -20.72 3.91
N LEU B 59 -10.88 -20.70 3.14
CA LEU B 59 -9.98 -19.56 3.09
C LEU B 59 -10.47 -18.37 2.26
N ASN B 60 -11.38 -18.61 1.32
CA ASN B 60 -11.86 -17.57 0.39
C ASN B 60 -12.17 -16.26 1.14
N GLY B 61 -11.52 -15.18 0.72
CA GLY B 61 -11.65 -13.86 1.37
C GLY B 61 -10.46 -13.51 2.26
N THR B 62 -9.54 -14.44 2.45
CA THR B 62 -8.32 -14.17 3.22
C THR B 62 -7.33 -13.40 2.37
N PRO B 63 -6.78 -12.28 2.89
CA PRO B 63 -5.82 -11.47 2.10
C PRO B 63 -4.64 -12.27 1.58
N ASN B 64 -4.30 -12.11 0.30
CA ASN B 64 -3.08 -12.69 -0.27
C ASN B 64 -3.08 -14.22 -0.40
N ILE B 65 -4.26 -14.83 -0.33
CA ILE B 65 -4.46 -16.22 -0.70
C ILE B 65 -5.40 -16.15 -1.90
N PRO B 66 -5.03 -16.81 -3.02
CA PRO B 66 -5.81 -16.61 -4.22
C PRO B 66 -7.22 -17.17 -4.05
N TYR B 67 -8.20 -16.45 -4.59
CA TYR B 67 -9.59 -16.83 -4.50
C TYR B 67 -9.86 -18.04 -5.39
N ALA B 68 -10.61 -19.00 -4.87
CA ALA B 68 -11.02 -20.15 -5.68
C ALA B 68 -12.44 -19.91 -6.21
N TYR B 69 -12.54 -19.69 -7.53
CA TYR B 69 -13.82 -19.34 -8.16
C TYR B 69 -14.69 -20.54 -8.52
N TYR B 70 -14.07 -21.66 -8.85
CA TYR B 70 -14.83 -22.78 -9.40
C TYR B 70 -14.14 -24.11 -9.16
N PHE B 71 -14.92 -25.12 -8.82
CA PHE B 71 -14.46 -26.50 -8.88
C PHE B 71 -15.56 -27.38 -9.45
N GLY B 72 -15.19 -28.25 -10.37
CA GLY B 72 -16.14 -29.15 -11.00
C GLY B 72 -15.47 -30.12 -11.94
N GLN B 73 -16.23 -31.12 -12.35
CA GLN B 73 -15.76 -32.11 -13.31
C GLN B 73 -16.30 -31.75 -14.67
N GLU B 74 -15.40 -31.57 -15.64
CA GLU B 74 -15.80 -31.35 -17.04
C GLU B 74 -14.91 -32.15 -17.97
N GLY B 75 -15.51 -32.81 -18.95
CA GLY B 75 -14.79 -33.78 -19.76
C GLY B 75 -14.29 -34.86 -18.83
N LEU B 76 -13.00 -35.19 -18.94
CA LEU B 76 -12.40 -36.28 -18.15
C LEU B 76 -11.51 -35.78 -17.01
N HIS B 77 -11.72 -34.54 -16.56
CA HIS B 77 -10.90 -33.95 -15.52
C HIS B 77 -11.73 -33.27 -14.46
N ASN B 78 -11.18 -33.23 -13.24
CA ASN B 78 -11.61 -32.29 -12.22
C ASN B 78 -10.86 -31.00 -12.46
N ILE B 79 -11.54 -29.89 -12.24
CA ILE B 79 -11.02 -28.57 -12.62
C ILE B 79 -11.13 -27.61 -11.44
N LEU B 80 -10.05 -26.90 -11.14
CA LEU B 80 -10.02 -25.86 -10.13
C LEU B 80 -9.57 -24.57 -10.80
N VAL B 81 -10.36 -23.52 -10.62
CA VAL B 81 -10.02 -22.18 -11.09
C VAL B 81 -9.72 -21.29 -9.89
N ILE B 82 -8.50 -20.74 -9.83
CA ILE B 82 -8.11 -19.77 -8.81
C ILE B 82 -7.43 -18.56 -9.46
N ASP B 83 -7.24 -17.48 -8.69
CA ASP B 83 -6.49 -16.30 -9.17
C ASP B 83 -5.10 -16.72 -9.65
N LEU B 84 -4.71 -16.13 -10.77
CA LEU B 84 -3.37 -16.32 -11.34
C LEU B 84 -2.36 -15.47 -10.59
N LEU B 85 -1.24 -16.06 -10.18
CA LEU B 85 -0.20 -15.31 -9.48
C LEU B 85 1.11 -15.37 -10.25
N GLY B 86 2.18 -14.82 -9.67
CA GLY B 86 3.49 -14.81 -10.31
C GLY B 86 4.48 -15.85 -9.81
N PRO B 87 5.79 -15.58 -9.98
CA PRO B 87 6.81 -16.56 -9.61
C PRO B 87 6.86 -16.86 -8.11
N SER B 88 7.36 -18.05 -7.76
CA SER B 88 7.53 -18.42 -6.36
C SER B 88 8.79 -17.77 -5.78
N LEU B 89 8.90 -17.79 -4.46
CA LEU B 89 10.12 -17.29 -3.83
C LEU B 89 11.34 -18.12 -4.20
N GLU B 90 11.15 -19.41 -4.48
CA GLU B 90 12.26 -20.26 -4.92
C GLU B 90 12.70 -19.85 -6.33
N ASP B 91 11.75 -19.55 -7.21
CA ASP B 91 12.10 -19.03 -8.54
C ASP B 91 12.90 -17.73 -8.43
N LEU B 92 12.38 -16.80 -7.63
CA LEU B 92 13.02 -15.51 -7.44
C LEU B 92 14.40 -15.67 -6.77
N PHE B 93 14.50 -16.59 -5.83
CA PHE B 93 15.76 -16.92 -5.13
C PHE B 93 16.81 -17.39 -6.14
N ASP B 94 16.43 -18.30 -7.03
CA ASP B 94 17.35 -18.77 -8.07
C ASP B 94 17.82 -17.63 -8.96
N TRP B 95 16.87 -16.79 -9.39
CA TRP B 95 17.21 -15.66 -10.28
C TRP B 95 18.11 -14.64 -9.58
N CYS B 96 17.94 -14.50 -8.26
CA CYS B 96 18.80 -13.64 -7.44
C CYS B 96 20.10 -14.29 -6.95
N GLY B 97 20.52 -15.41 -7.53
CA GLY B 97 21.77 -16.09 -7.15
C GLY B 97 21.72 -16.86 -5.83
N ARG B 98 20.53 -17.24 -5.39
CA ARG B 98 20.35 -18.10 -4.20
C ARG B 98 20.95 -17.52 -2.91
N LYS B 99 20.76 -16.21 -2.74
CA LYS B 99 20.90 -15.53 -1.46
C LYS B 99 20.05 -14.27 -1.52
N PHE B 100 19.27 -13.99 -0.48
CA PHE B 100 18.54 -12.73 -0.40
C PHE B 100 19.20 -11.81 0.61
N SER B 101 19.11 -10.51 0.36
CA SER B 101 19.58 -9.51 1.32
C SER B 101 18.73 -9.58 2.59
N VAL B 102 19.28 -9.06 3.68
CA VAL B 102 18.59 -8.98 4.96
C VAL B 102 17.27 -8.21 4.80
N LYS B 103 17.32 -7.07 4.10
CA LYS B 103 16.12 -6.24 3.93
C LYS B 103 14.99 -6.99 3.20
N THR B 104 15.35 -7.74 2.16
CA THR B 104 14.38 -8.58 1.45
C THR B 104 13.85 -9.68 2.39
N VAL B 105 14.73 -10.34 3.11
CA VAL B 105 14.28 -11.43 3.99
C VAL B 105 13.33 -10.95 5.09
N VAL B 106 13.65 -9.82 5.73
CA VAL B 106 12.78 -9.27 6.78
C VAL B 106 11.38 -8.98 6.23
N GLN B 107 11.32 -8.29 5.10
CA GLN B 107 10.03 -7.91 4.53
C GLN B 107 9.22 -9.12 4.07
N VAL B 108 9.90 -10.11 3.49
CA VAL B 108 9.25 -11.37 3.09
C VAL B 108 8.78 -12.15 4.34
N ALA B 109 9.66 -12.25 5.33
CA ALA B 109 9.38 -12.97 6.58
C ALA B 109 8.12 -12.48 7.29
N VAL B 110 7.97 -11.16 7.42
CA VAL B 110 6.81 -10.60 8.12
C VAL B 110 5.52 -10.95 7.36
N GLN B 111 5.58 -10.89 6.03
CA GLN B 111 4.43 -11.29 5.22
C GLN B 111 4.10 -12.77 5.33
N MET B 112 5.13 -13.60 5.41
CA MET B 112 4.95 -15.03 5.55
C MET B 112 4.34 -15.36 6.91
N ILE B 113 4.76 -14.67 7.96
CA ILE B 113 4.19 -14.84 9.30
C ILE B 113 2.70 -14.48 9.29
N THR B 114 2.38 -13.37 8.64
CA THR B 114 1.00 -12.92 8.54
C THR B 114 0.12 -13.90 7.78
N LEU B 115 0.62 -14.42 6.65
CA LEU B 115 -0.10 -15.47 5.91
C LEU B 115 -0.42 -16.67 6.78
N ILE B 116 0.59 -17.15 7.48
CA ILE B 116 0.44 -18.31 8.36
C ILE B 116 -0.48 -17.97 9.56
N GLU B 117 -0.36 -16.77 10.12
CA GLU B 117 -1.31 -16.30 11.15
C GLU B 117 -2.76 -16.38 10.66
N ASP B 118 -3.00 -15.93 9.42
CA ASP B 118 -4.36 -15.96 8.89
C ASP B 118 -4.85 -17.38 8.57
N LEU B 119 -3.95 -18.24 8.08
CA LEU B 119 -4.26 -19.65 7.90
C LEU B 119 -4.66 -20.25 9.25
N HIS B 120 -3.87 -19.99 10.27
CA HIS B 120 -4.15 -20.54 11.61
C HIS B 120 -5.48 -20.02 12.18
N ALA B 121 -5.85 -18.80 11.79
CA ALA B 121 -7.12 -18.23 12.19
C ALA B 121 -8.33 -18.94 11.56
N HIS B 122 -8.10 -19.68 10.47
CA HIS B 122 -9.10 -20.54 9.84
C HIS B 122 -8.99 -22.02 10.26
N ASP B 123 -8.36 -22.25 11.41
CA ASP B 123 -8.33 -23.54 12.10
C ASP B 123 -7.37 -24.55 11.47
N LEU B 124 -6.51 -24.08 10.57
CA LEU B 124 -5.69 -24.96 9.76
C LEU B 124 -4.20 -24.74 9.98
N ILE B 125 -3.43 -25.82 9.90
CA ILE B 125 -1.97 -25.73 9.83
C ILE B 125 -1.54 -26.12 8.43
N TYR B 126 -0.37 -25.64 8.02
CA TYR B 126 0.07 -25.76 6.62
C TYR B 126 0.84 -27.05 6.34
N ARG B 127 1.77 -27.36 7.25
CA ARG B 127 2.52 -28.63 7.34
C ARG B 127 3.64 -28.89 6.32
N ASP B 128 3.68 -28.11 5.24
CA ASP B 128 4.65 -28.30 4.16
C ASP B 128 5.29 -26.98 3.76
N ILE B 129 5.69 -26.19 4.74
CA ILE B 129 6.30 -24.88 4.49
C ILE B 129 7.56 -25.07 3.63
N LYS B 130 7.63 -24.32 2.54
CA LYS B 130 8.76 -24.28 1.65
C LYS B 130 8.65 -23.02 0.78
N PRO B 131 9.79 -22.51 0.31
CA PRO B 131 9.75 -21.28 -0.50
C PRO B 131 9.07 -21.43 -1.85
N ASP B 132 9.02 -22.68 -2.33
CA ASP B 132 8.34 -23.02 -3.59
C ASP B 132 6.83 -22.69 -3.60
N ASN B 133 6.21 -22.61 -2.44
CA ASN B 133 4.77 -22.45 -2.31
C ASN B 133 4.30 -21.06 -1.92
N PHE B 134 5.24 -20.15 -1.76
CA PHE B 134 4.95 -18.75 -1.55
C PHE B 134 5.27 -18.00 -2.83
N LEU B 135 4.28 -17.28 -3.35
CA LEU B 135 4.37 -16.65 -4.68
C LEU B 135 4.13 -15.17 -4.57
N ILE B 136 4.76 -14.41 -5.46
CA ILE B 136 4.41 -13.01 -5.62
C ILE B 136 3.22 -12.85 -6.56
N GLY B 137 2.75 -11.61 -6.71
CA GLY B 137 1.64 -11.29 -7.62
C GLY B 137 2.05 -11.24 -9.07
N ARG B 138 1.10 -10.84 -9.92
CA ARG B 138 1.38 -10.61 -11.35
C ARG B 138 1.97 -9.22 -11.52
N PRO B 139 2.83 -9.02 -12.54
CA PRO B 139 3.52 -7.72 -12.71
C PRO B 139 2.63 -6.49 -12.71
N GLY B 140 3.05 -5.49 -11.93
CA GLY B 140 2.38 -4.20 -11.89
C GLY B 140 1.16 -4.11 -10.99
N GLN B 141 0.59 -5.26 -10.56
CA GLN B 141 -0.61 -5.27 -9.71
C GLN B 141 -0.38 -4.62 -8.36
N PRO B 142 -1.49 -4.23 -7.67
CA PRO B 142 -1.31 -3.67 -6.32
C PRO B 142 -0.57 -4.63 -5.40
N ASP B 143 -0.82 -5.93 -5.59
CA ASP B 143 -0.15 -6.99 -4.81
C ASP B 143 0.99 -7.64 -5.58
N ALA B 144 1.61 -6.92 -6.52
CA ALA B 144 2.63 -7.53 -7.41
C ALA B 144 3.79 -8.13 -6.63
N ASN B 145 4.23 -7.43 -5.57
CA ASN B 145 5.34 -7.88 -4.73
C ASN B 145 4.90 -8.36 -3.34
N ASN B 146 3.60 -8.50 -3.12
CA ASN B 146 3.08 -9.17 -1.93
C ASN B 146 3.30 -10.68 -2.02
N ILE B 147 3.56 -11.28 -0.88
CA ILE B 147 3.74 -12.71 -0.81
C ILE B 147 2.34 -13.33 -0.70
N HIS B 148 2.16 -14.43 -1.43
CA HIS B 148 0.92 -15.20 -1.39
C HIS B 148 1.25 -16.63 -1.04
N LEU B 149 0.25 -17.37 -0.59
CA LEU B 149 0.41 -18.78 -0.26
C LEU B 149 -0.52 -19.62 -1.12
N ILE B 150 0.03 -20.66 -1.73
CA ILE B 150 -0.74 -21.66 -2.47
C ILE B 150 -0.37 -23.07 -1.99
N ASP B 151 -0.99 -24.07 -2.64
CA ASP B 151 -0.69 -25.48 -2.41
CA ASP B 151 -0.72 -25.48 -2.40
C ASP B 151 -1.09 -25.88 -0.98
N PHE B 152 -2.37 -26.13 -0.79
CA PHE B 152 -2.92 -26.52 0.51
C PHE B 152 -3.15 -28.00 0.65
N GLY B 153 -2.51 -28.82 -0.19
CA GLY B 153 -2.74 -30.26 -0.17
C GLY B 153 -2.34 -30.94 1.13
N MET B 154 -1.39 -30.36 1.86
CA MET B 154 -0.96 -30.88 3.15
C MET B 154 -1.63 -30.21 4.35
N ALA B 155 -2.48 -29.22 4.11
CA ALA B 155 -3.12 -28.50 5.22
C ALA B 155 -4.06 -29.42 5.99
N LYS B 156 -4.15 -29.21 7.30
CA LYS B 156 -4.99 -30.02 8.16
C LYS B 156 -5.52 -29.13 9.27
N GLN B 157 -6.67 -29.49 9.83
CA GLN B 157 -7.19 -28.87 11.04
C GLN B 157 -6.27 -29.12 12.24
N TYR B 158 -5.91 -28.07 12.95
CA TYR B 158 -5.30 -28.22 14.28
C TYR B 158 -6.35 -28.00 15.39
N ARG B 159 -7.52 -27.47 15.03
CA ARG B 159 -8.62 -27.31 15.97
C ARG B 159 -9.99 -27.44 15.28
N ASP B 160 -10.99 -27.87 16.04
CA ASP B 160 -12.33 -28.08 15.50
C ASP B 160 -12.92 -26.71 15.15
N PRO B 161 -13.49 -26.54 13.93
CA PRO B 161 -14.05 -25.23 13.56
C PRO B 161 -15.20 -24.74 14.45
N LYS B 162 -16.01 -25.67 14.97
CA LYS B 162 -17.15 -25.28 15.80
C LYS B 162 -16.76 -25.03 17.26
N THR B 163 -16.05 -25.97 17.87
CA THR B 163 -15.74 -25.88 19.30
C THR B 163 -14.42 -25.17 19.57
N LYS B 164 -13.58 -25.03 18.54
CA LYS B 164 -12.22 -24.52 18.67
C LYS B 164 -11.32 -25.44 19.50
N GLN B 165 -11.75 -26.68 19.75
CA GLN B 165 -10.97 -27.62 20.54
C GLN B 165 -9.74 -28.09 19.74
N HIS B 166 -8.57 -27.97 20.36
CA HIS B 166 -7.29 -28.31 19.74
C HIS B 166 -7.16 -29.82 19.57
N ILE B 167 -6.53 -30.26 18.49
CA ILE B 167 -6.27 -31.69 18.30
C ILE B 167 -5.41 -32.27 19.43
N PRO B 168 -5.56 -33.58 19.72
CA PRO B 168 -4.78 -34.15 20.82
C PRO B 168 -3.31 -34.35 20.49
N TYR B 169 -2.46 -34.27 21.52
CA TYR B 169 -1.05 -34.56 21.38
C TYR B 169 -0.84 -36.05 21.19
N ARG B 170 0.17 -36.40 20.42
CA ARG B 170 0.59 -37.79 20.31
C ARG B 170 2.01 -37.85 19.75
N GLU B 171 2.66 -38.99 19.91
CA GLU B 171 3.99 -39.20 19.35
C GLU B 171 3.91 -40.38 18.40
N LYS B 172 5.06 -40.88 17.96
CA LYS B 172 5.15 -42.04 17.05
C LYS B 172 4.48 -41.80 15.70
N LYS B 173 4.50 -40.56 15.23
CA LYS B 173 3.98 -40.23 13.89
C LYS B 173 5.03 -40.54 12.83
N SER B 174 4.57 -40.97 11.65
CA SER B 174 5.44 -41.16 10.49
C SER B 174 5.72 -39.78 9.90
N LEU B 175 6.88 -39.62 9.26
CA LEU B 175 7.36 -38.29 8.85
C LEU B 175 6.63 -37.73 7.63
N SER B 176 6.10 -36.50 7.79
CA SER B 176 5.37 -35.77 6.74
C SER B 176 5.97 -34.37 6.57
N GLY B 177 6.15 -33.96 5.31
CA GLY B 177 6.78 -32.69 4.98
C GLY B 177 8.13 -32.88 4.33
N THR B 178 8.74 -31.76 3.96
CA THR B 178 10.02 -31.74 3.26
C THR B 178 11.12 -31.72 4.30
N ALA B 179 12.10 -32.60 4.15
CA ALA B 179 13.14 -32.75 5.19
C ALA B 179 13.90 -31.45 5.52
N ARG B 180 14.13 -30.62 4.52
CA ARG B 180 14.97 -29.44 4.69
C ARG B 180 14.46 -28.43 5.72
N TYR B 181 13.14 -28.22 5.75
CA TYR B 181 12.52 -27.20 6.61
C TYR B 181 11.76 -27.72 7.83
N MET B 182 11.49 -29.02 7.85
CA MET B 182 10.76 -29.70 8.92
C MET B 182 11.26 -29.34 10.33
N SER B 183 10.32 -29.16 11.26
CA SER B 183 10.65 -28.85 12.65
C SER B 183 11.34 -30.03 13.35
N ILE B 184 12.10 -29.73 14.40
CA ILE B 184 12.72 -30.79 15.23
C ILE B 184 11.65 -31.73 15.76
N ASN B 185 10.53 -31.18 16.23
CA ASN B 185 9.49 -32.03 16.81
C ASN B 185 8.83 -32.95 15.77
N THR B 186 8.75 -32.51 14.52
CA THR B 186 8.28 -33.41 13.45
C THR B 186 9.28 -34.54 13.21
N HIS B 187 10.57 -34.23 13.18
CA HIS B 187 11.61 -35.27 13.14
C HIS B 187 11.48 -36.29 14.27
N LEU B 188 11.04 -35.85 15.44
CA LEU B 188 10.87 -36.73 16.61
C LEU B 188 9.53 -37.45 16.67
N GLY B 189 8.73 -37.35 15.62
CA GLY B 189 7.49 -38.12 15.52
C GLY B 189 6.32 -37.52 16.29
N ARG B 190 6.43 -36.26 16.68
CA ARG B 190 5.37 -35.61 17.44
C ARG B 190 4.30 -35.02 16.50
N GLU B 191 3.04 -35.09 16.91
CA GLU B 191 1.92 -34.47 16.19
C GLU B 191 2.24 -32.99 15.89
N GLN B 192 1.91 -32.55 14.68
CA GLN B 192 2.25 -31.19 14.25
C GLN B 192 1.17 -30.23 14.71
N SER B 193 1.57 -29.01 15.06
CA SER B 193 0.61 -27.98 15.41
C SER B 193 1.15 -26.65 14.91
N ARG B 194 0.61 -25.53 15.39
CA ARG B 194 0.97 -24.23 14.85
C ARG B 194 2.46 -23.95 14.95
N ARG B 195 3.08 -24.34 16.08
CA ARG B 195 4.52 -24.12 16.30
C ARG B 195 5.43 -24.66 15.19
N ASP B 196 5.04 -25.78 14.62
CA ASP B 196 5.86 -26.44 13.61
C ASP B 196 5.89 -25.66 12.30
N ASP B 197 4.75 -25.05 11.93
CA ASP B 197 4.73 -24.09 10.82
C ASP B 197 5.69 -22.94 11.08
N MET B 198 5.68 -22.43 12.31
CA MET B 198 6.52 -21.26 12.64
C MET B 198 8.00 -21.63 12.63
N GLU B 199 8.33 -22.83 13.10
CA GLU B 199 9.73 -23.28 13.05
C GLU B 199 10.22 -23.50 11.61
N ALA B 200 9.38 -24.10 10.78
CA ALA B 200 9.72 -24.31 9.37
C ALA B 200 9.97 -22.97 8.69
N LEU B 201 9.15 -21.97 9.00
CA LEU B 201 9.39 -20.62 8.50
C LEU B 201 10.78 -20.11 8.90
N GLY B 202 11.17 -20.32 10.16
CA GLY B 202 12.51 -19.93 10.63
C GLY B 202 13.63 -20.58 9.82
N HIS B 203 13.44 -21.85 9.50
CA HIS B 203 14.41 -22.57 8.66
C HIS B 203 14.48 -21.96 7.27
N VAL B 204 13.33 -21.60 6.71
CA VAL B 204 13.29 -20.90 5.41
C VAL B 204 14.01 -19.57 5.46
N PHE B 205 13.81 -18.80 6.54
CA PHE B 205 14.47 -17.51 6.67
C PHE B 205 15.99 -17.68 6.59
N PHE B 206 16.53 -18.62 7.37
CA PHE B 206 17.97 -18.87 7.38
C PHE B 206 18.48 -19.39 6.02
N TYR B 207 17.67 -20.21 5.36
CA TYR B 207 18.00 -20.68 4.01
C TYR B 207 18.16 -19.49 3.06
N PHE B 208 17.22 -18.53 3.12
CA PHE B 208 17.30 -17.32 2.28
C PHE B 208 18.52 -16.47 2.59
N LEU B 209 18.83 -16.29 3.87
CA LEU B 209 19.95 -15.44 4.30
C LEU B 209 21.31 -16.05 4.01
N ARG B 210 21.44 -17.36 4.15
CA ARG B 210 22.73 -18.03 4.04
C ARG B 210 22.94 -18.63 2.65
N GLY B 211 21.85 -19.02 1.98
CA GLY B 211 21.93 -19.71 0.69
C GLY B 211 21.83 -21.21 0.81
N HIS B 212 22.02 -21.71 2.02
CA HIS B 212 21.92 -23.13 2.31
C HIS B 212 21.85 -23.32 3.83
N LEU B 213 21.46 -24.52 4.22
CA LEU B 213 21.39 -24.90 5.63
C LEU B 213 22.40 -26.03 5.88
N PRO B 214 22.94 -26.12 7.12
CA PRO B 214 24.00 -27.11 7.38
C PRO B 214 23.56 -28.56 7.38
N TRP B 215 22.26 -28.82 7.30
CA TRP B 215 21.71 -30.19 7.17
C TRP B 215 21.34 -30.57 5.73
N GLN B 216 21.71 -29.74 4.76
CA GLN B 216 21.69 -30.13 3.35
C GLN B 216 22.97 -30.87 3.03
N GLY B 217 22.88 -31.84 2.14
CA GLY B 217 24.06 -32.54 1.63
C GLY B 217 24.58 -33.64 2.51
N LEU B 218 23.80 -34.03 3.53
CA LEU B 218 24.17 -35.16 4.38
C LEU B 218 23.92 -36.46 3.64
N LYS B 219 24.63 -37.51 4.02
CA LYS B 219 24.51 -38.81 3.38
C LYS B 219 24.12 -39.88 4.39
N ALA B 220 23.22 -40.76 3.98
CA ALA B 220 22.81 -41.92 4.78
C ALA B 220 22.53 -43.11 3.85
N PRO B 221 22.63 -44.34 4.39
CA PRO B 221 22.30 -45.51 3.56
C PRO B 221 20.84 -45.54 3.07
N ASN B 222 19.93 -45.06 3.92
CA ASN B 222 18.49 -45.15 3.68
C ASN B 222 17.87 -43.79 3.97
N ASN B 223 16.72 -43.52 3.36
CA ASN B 223 15.96 -42.27 3.60
C ASN B 223 15.58 -42.06 5.06
N LYS B 224 15.14 -43.12 5.76
CA LYS B 224 14.76 -43.04 7.17
C LYS B 224 15.90 -42.53 8.04
N GLN B 225 17.10 -43.05 7.78
CA GLN B 225 18.30 -42.67 8.49
C GLN B 225 18.74 -41.25 8.12
N LYS B 226 18.52 -40.86 6.87
CA LYS B 226 18.77 -39.48 6.41
C LYS B 226 17.89 -38.47 7.14
N TYR B 227 16.61 -38.75 7.24
CA TYR B 227 15.69 -37.94 8.05
C TYR B 227 16.22 -37.79 9.49
N GLU B 228 16.63 -38.91 10.08
CA GLU B 228 17.13 -38.91 11.45
C GLU B 228 18.38 -38.01 11.54
N LYS B 229 19.32 -38.22 10.61
CA LYS B 229 20.56 -37.43 10.53
C LYS B 229 20.26 -35.93 10.43
N ILE B 230 19.33 -35.59 9.55
CA ILE B 230 18.94 -34.19 9.37
C ILE B 230 18.41 -33.62 10.68
N GLY B 231 17.55 -34.38 11.34
CA GLY B 231 16.98 -33.97 12.63
C GLY B 231 18.02 -33.86 13.73
N GLU B 232 18.98 -34.79 13.76
CA GLU B 232 20.12 -34.68 14.68
C GLU B 232 20.93 -33.41 14.39
N LYS B 233 21.18 -33.13 13.11
CA LYS B 233 21.92 -31.91 12.72
C LYS B 233 21.20 -30.65 13.20
N LYS B 234 19.88 -30.61 13.04
CA LYS B 234 19.07 -29.51 13.54
C LYS B 234 19.17 -29.36 15.04
N ARG B 235 19.11 -30.48 15.75
CA ARG B 235 19.25 -30.47 17.20
C ARG B 235 20.65 -30.03 17.65
N SER B 236 21.68 -30.42 16.89
CA SER B 236 23.08 -30.13 17.20
C SER B 236 23.56 -28.72 16.83
N THR B 237 22.84 -28.00 16.00
CA THR B 237 23.28 -26.72 15.48
C THR B 237 22.63 -25.58 16.25
N ASN B 238 23.44 -24.85 17.01
CA ASN B 238 22.92 -23.74 17.80
C ASN B 238 22.40 -22.64 16.86
N VAL B 239 21.23 -22.09 17.18
CA VAL B 239 20.59 -21.10 16.33
C VAL B 239 21.42 -19.82 16.16
N TYR B 240 22.27 -19.52 17.13
CA TYR B 240 23.12 -18.35 17.05
C TYR B 240 24.36 -18.65 16.18
N ASP B 241 24.73 -19.92 16.04
CA ASP B 241 25.67 -20.33 14.97
C ASP B 241 25.03 -20.17 13.58
N LEU B 242 23.76 -20.53 13.44
CA LEU B 242 23.03 -20.25 12.19
C LEU B 242 23.03 -18.76 11.83
N ALA B 243 22.89 -17.90 12.84
CA ALA B 243 22.84 -16.45 12.65
C ALA B 243 24.22 -15.78 12.63
N GLN B 244 25.29 -16.55 12.52
CA GLN B 244 26.64 -15.98 12.52
C GLN B 244 26.79 -15.06 11.31
N GLY B 245 27.27 -13.84 11.55
CA GLY B 245 27.33 -12.81 10.50
C GLY B 245 25.97 -12.31 10.00
N LEU B 246 24.90 -12.68 10.72
CA LEU B 246 23.52 -12.30 10.38
C LEU B 246 22.86 -11.62 11.58
N PRO B 247 21.73 -10.93 11.35
CA PRO B 247 21.07 -10.26 12.49
C PRO B 247 20.63 -11.26 13.56
N VAL B 248 21.00 -10.98 14.81
CA VAL B 248 20.72 -11.89 15.93
C VAL B 248 19.22 -12.20 16.06
N GLN B 249 18.36 -11.28 15.64
CA GLN B 249 16.89 -11.48 15.71
C GLN B 249 16.39 -12.72 15.00
N PHE B 250 17.07 -13.15 13.94
CA PHE B 250 16.69 -14.39 13.25
C PHE B 250 17.01 -15.61 14.08
N GLY B 251 18.10 -15.57 14.84
CA GLY B 251 18.39 -16.61 15.83
C GLY B 251 17.36 -16.63 16.96
N ARG B 252 16.99 -15.45 17.43
CA ARG B 252 16.00 -15.33 18.52
C ARG B 252 14.68 -15.90 18.07
N TYR B 253 14.26 -15.55 16.85
CA TYR B 253 13.03 -16.08 16.29
C TYR B 253 13.00 -17.61 16.36
N LEU B 254 14.06 -18.25 15.90
CA LEU B 254 14.07 -19.70 15.82
C LEU B 254 14.11 -20.34 17.23
N GLU B 255 14.88 -19.77 18.16
CA GLU B 255 14.88 -20.26 19.52
C GLU B 255 13.49 -20.17 20.11
N ILE B 256 12.84 -19.03 19.90
CA ILE B 256 11.53 -18.77 20.50
C ILE B 256 10.48 -19.74 19.96
N VAL B 257 10.43 -19.91 18.63
CA VAL B 257 9.40 -20.80 18.08
C VAL B 257 9.66 -22.27 18.41
N ARG B 258 10.93 -22.64 18.56
CA ARG B 258 11.29 -23.97 19.03
C ARG B 258 10.88 -24.26 20.48
N SER B 259 10.62 -23.22 21.28
CA SER B 259 10.25 -23.38 22.67
C SER B 259 8.72 -23.33 22.90
N LEU B 260 7.94 -23.14 21.82
CA LEU B 260 6.49 -23.14 21.89
C LEU B 260 5.99 -24.53 22.34
N SER B 261 4.99 -24.53 23.20
CA SER B 261 4.38 -25.78 23.62
C SER B 261 3.35 -26.18 22.57
N PHE B 262 2.90 -27.43 22.66
CA PHE B 262 2.06 -28.03 21.61
C PHE B 262 0.80 -27.22 21.22
N GLU B 263 0.04 -26.78 22.21
CA GLU B 263 -1.21 -26.04 21.94
C GLU B 263 -1.04 -24.53 21.88
N GLU B 264 0.19 -24.05 22.03
CA GLU B 264 0.41 -22.65 22.29
C GLU B 264 0.17 -21.81 21.05
N CYS B 265 -0.51 -20.67 21.26
CA CYS B 265 -0.69 -19.68 20.20
C CYS B 265 0.63 -18.97 19.97
N PRO B 266 1.16 -19.02 18.73
CA PRO B 266 2.40 -18.28 18.48
C PRO B 266 2.23 -16.76 18.71
N ASP B 267 3.31 -16.12 19.12
CA ASP B 267 3.32 -14.66 19.29
C ASP B 267 3.62 -13.99 17.93
N TYR B 268 2.63 -14.02 17.02
CA TYR B 268 2.85 -13.57 15.63
C TYR B 268 3.31 -12.12 15.55
N GLU B 269 2.62 -11.24 16.30
CA GLU B 269 2.95 -9.84 16.31
C GLU B 269 4.33 -9.57 16.90
N GLY B 270 4.64 -10.21 18.03
CA GLY B 270 5.98 -10.14 18.62
C GLY B 270 7.07 -10.59 17.65
N TYR B 271 6.78 -11.61 16.85
CA TYR B 271 7.74 -12.07 15.83
C TYR B 271 7.94 -11.02 14.74
N ARG B 272 6.83 -10.42 14.28
CA ARG B 272 6.93 -9.39 13.24
C ARG B 272 7.71 -8.20 13.75
N LYS B 273 7.41 -7.74 14.97
CA LYS B 273 8.16 -6.64 15.57
C LYS B 273 9.64 -7.00 15.75
N LEU B 274 9.89 -8.24 16.16
CA LEU B 274 11.26 -8.73 16.36
C LEU B 274 12.06 -8.65 15.06
N LEU B 275 11.50 -9.17 13.98
CA LEU B 275 12.18 -9.13 12.68
C LEU B 275 12.27 -7.72 12.11
N LEU B 276 11.23 -6.92 12.26
CA LEU B 276 11.26 -5.53 11.77
C LEU B 276 12.32 -4.68 12.48
N SER B 277 12.63 -5.01 13.75
CA SER B 277 13.67 -4.29 14.49
C SER B 277 15.05 -4.48 13.85
N VAL B 278 15.20 -5.53 13.03
CA VAL B 278 16.43 -5.70 12.25
C VAL B 278 16.69 -4.47 11.36
N LEU B 279 15.64 -4.00 10.70
CA LEU B 279 15.76 -2.84 9.80
C LEU B 279 16.11 -1.57 10.58
N ASP B 280 15.57 -1.44 11.78
CA ASP B 280 15.93 -0.33 12.69
C ASP B 280 17.43 -0.33 13.02
N ASP B 281 17.96 -1.50 13.34
CA ASP B 281 19.39 -1.65 13.67
C ASP B 281 20.27 -1.23 12.49
N LEU B 282 19.85 -1.55 11.27
CA LEU B 282 20.65 -1.28 10.06
C LEU B 282 20.33 0.05 9.38
N GLY B 283 19.42 0.85 9.95
CA GLY B 283 18.98 2.11 9.34
C GLY B 283 18.26 1.93 8.00
N GLU B 284 17.50 0.83 7.87
CA GLU B 284 16.69 0.54 6.68
C GLU B 284 15.19 0.70 6.98
N THR B 285 14.39 0.62 5.93
CA THR B 285 12.95 0.88 5.94
C THR B 285 12.24 -0.24 5.17
N ALA B 286 11.11 -0.73 5.70
CA ALA B 286 10.24 -1.66 4.96
C ALA B 286 9.42 -0.90 3.92
N ASP B 287 10.08 -0.51 2.84
CA ASP B 287 9.51 0.38 1.83
C ASP B 287 9.06 -0.34 0.55
N GLY B 288 9.15 -1.67 0.55
CA GLY B 288 8.66 -2.48 -0.55
C GLY B 288 9.65 -2.69 -1.68
N GLN B 289 10.93 -2.43 -1.39
CA GLN B 289 12.02 -2.69 -2.33
C GLN B 289 12.59 -4.06 -2.03
N TYR B 290 12.62 -4.91 -3.06
CA TYR B 290 13.05 -6.31 -2.93
C TYR B 290 14.13 -6.59 -3.95
N ASP B 291 14.96 -7.59 -3.67
CA ASP B 291 16.13 -7.88 -4.53
C ASP B 291 15.74 -8.13 -6.00
N TRP B 292 14.66 -8.87 -6.21
CA TRP B 292 14.21 -9.22 -7.58
C TRP B 292 13.77 -8.03 -8.42
N MET B 293 13.42 -6.91 -7.76
CA MET B 293 13.07 -5.68 -8.49
C MET B 293 14.26 -5.03 -9.18
N LYS B 294 15.49 -5.49 -8.89
CA LYS B 294 16.69 -5.02 -9.60
C LYS B 294 17.13 -5.94 -10.75
N LEU B 295 16.47 -7.10 -10.91
CA LEU B 295 16.75 -7.95 -12.05
C LEU B 295 16.40 -7.19 -13.34
#